data_7LO9
#
_entry.id   7LO9
#
_cell.length_a   29.370
_cell.length_b   29.370
_cell.length_c   133.140
_cell.angle_alpha   90.000
_cell.angle_beta   90.000
_cell.angle_gamma   120.000
#
_symmetry.space_group_name_H-M   'P 32'
#
loop_
_entity.id
_entity.type
_entity.pdbx_description
1 polymer 'Chains: A,B,C,D'
2 water water
#
_entity_poly.entity_id   1
_entity_poly.type   'polyribonucleotide'
_entity_poly.pdbx_seq_one_letter_code
;CGCG(ZAD)A(5BU)UAGCG
;
_entity_poly.pdbx_strand_id   A,B,C,D
#
loop_
_chem_comp.id
_chem_comp.type
_chem_comp.name
_chem_comp.formula
5BU RNA linking 5-BROMO-URIDINE-5'-MONOPHOSPHATE 'C9 H12 Br N2 O9 P'
A RNA linking ADENOSINE-5'-MONOPHOSPHATE 'C10 H14 N5 O7 P'
C RNA linking CYTIDINE-5'-MONOPHOSPHATE 'C9 H14 N3 O8 P'
G RNA linking GUANOSINE-5'-MONOPHOSPHATE 'C10 H14 N5 O8 P'
U RNA linking URIDINE-5'-MONOPHOSPHATE 'C9 H13 N2 O9 P'
ZAD RNA linking (S)-1'-(2',3'-DIHYDROXYPROPYL)-ADENINE 'C8 H12 N5 O5 P'
#
# COMPACT_ATOMS: atom_id res chain seq x y z
O2P ZAD A 5 -5.23 2.22 2.29
P ZAD A 5 -3.83 2.91 2.67
O1P ZAD A 5 -3.92 3.48 4.03
O3G ZAD A 5 -3.70 4.11 1.61
C3G ZAD A 5 -3.55 3.84 0.23
C2G ZAD A 5 -3.18 5.20 -0.37
O2G ZAD A 5 -3.85 6.25 0.19
C1G ZAD A 5 -1.68 5.43 -0.54
N9 ZAD A 5 -1.28 5.37 -1.82
C4 ZAD A 5 -1.62 4.52 -2.77
N3 ZAD A 5 -2.43 3.45 -2.79
C2 ZAD A 5 -2.58 2.71 -3.97
N1 ZAD A 5 -1.89 3.12 -5.11
C6 ZAD A 5 -1.10 4.19 -5.02
N6 ZAD A 5 -0.41 4.65 -6.06
C5 ZAD A 5 -0.96 4.87 -3.88
N7 ZAD A 5 -0.24 5.95 -3.60
C8 ZAD A 5 -0.43 6.25 -2.33
H3G1 ZAD A 5 -2.75 3.12 0.06
H3G2 ZAD A 5 -4.48 3.47 -0.19
H1G1 ZAD A 5 -1.40 6.42 -0.16
H1G2 ZAD A 5 -1.12 4.67 0.00
H8 ZAD A 5 0.02 7.09 -1.79
H2 ZAD A 5 -3.24 1.84 -3.99
H6N1 ZAD A 5 0.17 5.46 -5.95
H6N2 ZAD A 5 -0.46 4.18 -6.94
P 5BU A 7 -6.67 10.51 -5.07
OP1 5BU A 7 -6.82 11.99 -4.86
OP2 5BU A 7 -7.46 9.54 -4.21
O5' 5BU A 7 -6.99 10.19 -6.59
C5' 5BU A 7 -6.28 10.82 -7.64
C4' 5BU A 7 -6.62 10.22 -8.98
O4' 5BU A 7 -6.14 8.86 -9.04
C3' 5BU A 7 -8.10 10.11 -9.28
O3' 5BU A 7 -8.66 11.33 -9.74
C2' 5BU A 7 -8.15 8.99 -10.31
O2' 5BU A 7 -7.85 9.47 -11.61
C1' 5BU A 7 -7.01 8.08 -9.84
N1 5BU A 7 -7.48 6.93 -9.03
C2 5BU A 7 -7.68 5.69 -9.67
O2 5BU A 7 -7.48 5.57 -10.89
N3 5BU A 7 -8.10 4.62 -8.98
C4 5BU A 7 -8.33 4.68 -7.68
O4 5BU A 7 -8.72 3.66 -7.05
C5 5BU A 7 -8.12 5.97 -6.97
C6 5BU A 7 -7.69 7.06 -7.71
BR 5BU A 7 -8.45 6.08 -5.11
H5' 5BU A 7 -6.51 11.89 -7.64
H5'' 5BU A 7 -5.20 10.72 -7.46
H4' 5BU A 7 -6.13 10.83 -9.76
H3' 5BU A 7 -8.62 9.77 -8.37
H2' 5BU A 7 -9.11 8.46 -10.26
HO2' 5BU A 7 -7.78 8.72 -12.21
H1' 5BU A 7 -6.47 7.71 -10.72
H3 5BU A 7 -8.24 3.73 -9.48
H6 5BU A 7 -7.52 8.01 -7.23
O2P ZAD B 5 -12.32 -8.46 -6.92
P ZAD B 5 -12.35 -7.12 -6.32
O1P ZAD B 5 -11.02 -6.84 -5.45
O3G ZAD B 5 -12.29 -6.00 -7.47
C3G ZAD B 5 -11.46 -6.20 -8.63
C2G ZAD B 5 -11.85 -5.18 -9.71
O2G ZAD B 5 -11.89 -5.63 -10.99
C1G ZAD B 5 -12.83 -4.07 -9.31
N9 ZAD B 5 -12.97 -3.08 -10.21
C4 ZAD B 5 -12.95 -1.79 -9.92
N3 ZAD B 5 -12.79 -1.14 -8.75
C2 ZAD B 5 -12.81 0.25 -8.73
N1 ZAD B 5 -12.99 0.94 -9.94
C6 ZAD B 5 -13.13 0.22 -11.06
N6 ZAD B 5 -13.31 0.81 -12.25
C5 ZAD B 5 -13.11 -1.11 -11.06
N7 ZAD B 5 -13.23 -1.98 -12.05
C8 ZAD B 5 -13.15 -3.20 -11.52
H3G1 ZAD B 5 -11.61 -7.21 -9.01
H3G2 ZAD B 5 -10.42 -6.06 -8.35
H1G1 ZAD B 5 -12.50 -3.60 -8.39
H1G2 ZAD B 5 -13.83 -4.50 -9.18
H8 ZAD B 5 -13.21 -4.14 -12.07
H2 ZAD B 5 -12.69 0.80 -7.80
H6N1 ZAD B 5 -13.41 0.25 -13.07
H6N2 ZAD B 5 -13.33 1.80 -12.32
P 5BU B 7 -6.55 -4.40 -15.32
OP1 5BU B 7 -6.03 -5.10 -16.55
OP2 5BU B 7 -6.65 -5.14 -14.00
O5' 5BU B 7 -5.66 -3.10 -15.08
C5' 5BU B 7 -5.30 -2.27 -16.17
C4' 5BU B 7 -5.01 -0.86 -15.71
O4' 5BU B 7 -6.08 -0.39 -14.86
C3' 5BU B 7 -3.77 -0.68 -14.87
O3' 5BU B 7 -2.58 -0.68 -15.62
C2' 5BU B 7 -4.06 0.64 -14.16
O2' 5BU B 7 -3.83 1.75 -15.02
C1' 5BU B 7 -5.56 0.52 -13.92
N1 5BU B 7 -5.86 0.04 -12.55
C2 5BU B 7 -5.88 0.97 -11.49
O2 5BU B 7 -5.65 2.17 -11.73
N3 5BU B 7 -6.14 0.60 -10.24
C4 5BU B 7 -6.39 -0.67 -9.93
O4 5BU B 7 -6.63 -0.99 -8.75
C5 5BU B 7 -6.38 -1.68 -11.01
C6 5BU B 7 -6.11 -1.26 -12.31
BR 5BU B 7 -6.73 -3.48 -10.60
H5' 5BU B 7 -4.41 -2.68 -16.66
H5'' 5BU B 7 -6.12 -2.26 -16.90
H4' 5BU B 7 -4.93 -0.22 -16.61
H3' 5BU B 7 -3.73 -1.47 -14.12
H2' 5BU B 7 -3.50 0.72 -13.22
HO2' 5BU B 7 -4.16 2.56 -14.60
H1' 5BU B 7 -6.03 1.50 -14.06
H3 5BU B 7 -6.14 1.32 -9.48
H6 5BU B 7 -6.09 -1.99 -13.11
O2P ZAD C 5 14.43 0.36 15.27
P ZAD C 5 15.93 -0.15 15.01
O1P ZAD C 5 16.88 0.98 15.01
O3G ZAD C 5 15.85 -0.78 13.53
C3G ZAD C 5 15.98 0.06 12.39
C2G ZAD C 5 15.67 -0.74 11.12
O2G ZAD C 5 16.05 -0.20 9.93
C1G ZAD C 5 15.78 -2.26 11.23
N9 ZAD C 5 15.32 -2.91 10.14
C4 ZAD C 5 14.18 -3.56 10.04
N3 ZAD C 5 13.19 -3.76 10.93
C2 ZAD C 5 12.06 -4.50 10.55
N1 ZAD C 5 12.00 -5.01 9.26
C6 ZAD C 5 13.03 -4.77 8.42
N6 ZAD C 5 13.04 -5.22 7.18
C5 ZAD C 5 14.10 -4.06 8.81
N7 ZAD C 5 15.19 -3.71 8.16
C8 ZAD C 5 15.96 -2.99 8.97
H3G1 ZAD C 5 17.00 0.45 12.33
H3G2 ZAD C 5 15.28 0.90 12.47
H1G1 ZAD C 5 15.18 -2.63 12.07
H1G2 ZAD C 5 16.81 -2.56 11.36
H8 ZAD C 5 16.93 -2.56 8.74
H2 ZAD C 5 11.25 -4.68 11.25
H6N1 ZAD C 5 12.27 -5.76 6.84
H6N2 ZAD C 5 13.82 -5.02 6.58
P 5BU C 7 12.98 3.15 4.60
OP1 5BU C 7 13.73 4.13 3.72
OP2 5BU C 7 12.78 3.43 6.06
O5' 5BU C 7 11.55 2.90 3.94
C5' 5BU C 7 11.42 2.54 2.58
C4' 5BU C 7 10.04 2.03 2.28
O4' 5BU C 7 9.82 0.75 2.92
C3' 5BU C 7 8.89 2.89 2.78
O3' 5BU C 7 8.63 4.02 1.98
C2' 5BU C 7 7.74 1.90 2.85
O2' 5BU C 7 7.19 1.67 1.55
C1' 5BU C 7 8.46 0.63 3.30
N1 5BU C 7 8.40 0.46 4.77
C2 5BU C 7 7.35 -0.32 5.31
O2 5BU C 7 6.53 -0.85 4.55
N3 5BU C 7 7.25 -0.50 6.64
C4 5BU C 7 8.11 0.05 7.48
O4 5BU C 7 8.00 -0.13 8.71
C5 5BU C 7 9.22 0.88 6.95
C6 5BU C 7 9.31 1.04 5.58
BR 5BU C 7 10.46 1.67 8.14
H5' 5BU C 7 12.15 1.76 2.35
H5'' 5BU C 7 11.65 3.40 1.95
H4' 5BU C 7 9.94 1.94 1.19
H3' 5BU C 7 9.13 3.23 3.81
H2' 5BU C 7 6.98 2.21 3.58
HO2' 5BU C 7 6.54 0.95 1.61
H1' 5BU C 7 8.02 -0.24 2.81
H3 5BU C 7 6.48 -1.08 7.00
H6 5BU C 7 10.10 1.65 5.15
O2P ZAD D 5 1.10 -3.27 19.12
P ZAD D 5 2.06 -2.42 18.37
O1P ZAD D 5 3.46 -3.19 18.18
O3G ZAD D 5 1.55 -2.24 16.86
C3G ZAD D 5 1.10 -3.36 16.09
C2G ZAD D 5 0.61 -2.88 14.72
O2G ZAD D 5 -0.29 -3.65 14.08
C1G ZAD D 5 0.47 -1.36 14.56
N9 ZAD D 5 0.22 -0.97 13.30
C4 ZAD D 5 1.10 -0.41 12.46
N3 ZAD D 5 2.40 -0.12 12.61
C2 ZAD D 5 3.10 0.45 11.55
N1 ZAD D 5 2.41 0.72 10.36
C6 ZAD D 5 1.12 0.40 10.29
N6 ZAD D 5 0.40 0.63 9.19
C5 ZAD D 5 0.46 -0.15 11.31
N7 ZAD D 5 -0.81 -0.54 11.45
C8 ZAD D 5 -0.95 -1.03 12.68
H3G1 ZAD D 5 0.28 -3.86 16.60
H3G2 ZAD D 5 1.93 -4.06 15.95
H1G1 ZAD D 5 1.39 -0.85 14.85
H1G2 ZAD D 5 -0.35 -0.99 15.16
H8 ZAD D 5 -1.88 -1.43 13.10
H2 ZAD D 5 4.15 0.69 11.64
H6N1 ZAD D 5 -0.56 0.38 9.16
H6N2 ZAD D 5 0.84 1.03 8.39
P 5BU D 7 -0.52 -8.13 8.82
OP1 5BU D 7 -1.47 -9.24 8.46
OP2 5BU D 7 0.28 -8.21 10.10
O5' 5BU D 7 0.50 -7.96 7.61
C5' 5BU D 7 0.04 -7.68 6.30
C4' 5BU D 7 1.19 -7.36 5.38
O4' 5BU D 7 1.73 -6.05 5.71
C3' 5BU D 7 2.40 -8.28 5.48
O3' 5BU D 7 2.22 -9.51 4.80
C2' 5BU D 7 3.51 -7.41 4.92
O2' 5BU D 7 3.46 -7.35 3.50
C1' 5BU D 7 3.13 -6.04 5.50
N1 5BU D 7 3.81 -5.79 6.78
C2 5BU D 7 5.11 -5.25 6.75
O2 5BU D 7 5.63 -4.98 5.65
N3 5BU D 7 5.79 -5.00 7.88
C4 5BU D 7 5.27 -5.26 9.07
O4 5BU D 7 5.92 -5.03 10.11
C5 5BU D 7 3.92 -5.85 9.14
C6 5BU D 7 3.23 -6.10 7.96
BR 5BU D 7 3.18 -6.23 10.84
H5' 5BU D 7 -0.65 -6.83 6.33
H5'' 5BU D 7 -0.51 -8.54 5.92
H4' 5BU D 7 0.82 -7.37 4.34
H3' 5BU D 7 2.59 -8.48 6.55
H2' 5BU D 7 4.49 -7.74 5.29
HO2' 5BU D 7 4.12 -6.72 3.18
H1' 5BU D 7 3.39 -5.26 4.77
H3 5BU D 7 6.74 -4.59 7.82
H6 5BU D 7 2.24 -6.53 7.98
#